data_2A2J
#
_entry.id   2A2J
#
_cell.length_a   69.609
_cell.length_b   91.108
_cell.length_c   92.992
_cell.angle_alpha   90.00
_cell.angle_beta   90.00
_cell.angle_gamma   90.00
#
_symmetry.space_group_name_H-M   'P 21 21 21'
#
loop_
_entity.id
_entity.type
_entity.pdbx_description
1 polymer "Pyridoxamine 5'-phosphate oxidase"
2 water water
#
_entity_poly.entity_id   1
_entity_poly.type   'polypeptide(L)'
_entity_poly.pdbx_seq_one_letter_code
;MGSSHHHHHHSSGLVPRGSHMDDDAQMVAIDKDQLARMRGEYGPEKDG(CME)GDLDFDWLDDGWLTLLRRWLNDAQRAG
VSEPNAMVLATVADGKPVTRSVLCKILDESGVAFFTSYTSAKGEQLAVTPYASATFPWYQLGRQAHVQGPVSKVSTEEIF
TYWSMRPRGAQLGAWASQQSRPVGSRAQLDNQLAEVTRRFADQDQIPVPPGWGGYRIAPEIVEFWQGRENRMHNRIRVAN
GRLERLQPGS
;
_entity_poly.pdbx_strand_id   A,B
#
# COMPACT_ATOMS: atom_id res chain seq x y z
N PRO A 44 5.37 21.27 -0.96
CA PRO A 44 6.55 21.59 -1.74
C PRO A 44 7.83 21.15 -1.07
N GLU A 45 7.97 21.45 0.22
CA GLU A 45 9.19 21.18 0.92
C GLU A 45 9.59 19.68 0.84
N LYS A 46 8.62 18.76 0.90
CA LYS A 46 8.90 17.36 1.32
C LYS A 46 9.98 16.56 0.58
N ASP A 47 9.95 16.63 -0.75
CA ASP A 47 11.05 16.06 -1.50
C ASP A 47 12.16 17.07 -1.81
N GLY A 48 11.96 18.34 -1.44
CA GLY A 48 12.91 19.41 -1.71
C GLY A 48 13.00 19.86 -3.17
N CME A 49 11.95 19.39 -3.83
CA CME A 49 12.11 19.64 -5.29
CB CME A 49 11.87 18.35 -6.03
SG CME A 49 13.26 17.29 -5.77
SD CME A 49 14.81 17.90 -6.73
CE CME A 49 14.16 17.54 -8.39
CZ CME A 49 14.87 16.47 -9.25
OH CME A 49 15.19 15.24 -8.51
C CME A 49 11.04 20.61 -5.71
O CME A 49 9.90 20.51 -5.28
N GLY A 50 11.12 21.23 -7.05
CA GLY A 50 10.03 21.98 -7.68
C GLY A 50 9.02 20.99 -8.24
N ASP A 51 7.99 21.21 -8.79
CA ASP A 51 6.90 20.50 -9.35
C ASP A 51 7.34 19.50 -10.38
N LEU A 52 6.81 18.41 -10.02
CA LEU A 52 6.78 17.34 -11.02
C LEU A 52 5.94 17.80 -12.23
N ASP A 53 6.51 17.61 -13.41
CA ASP A 53 5.86 18.04 -14.67
C ASP A 53 6.27 17.09 -15.80
N PHE A 54 5.64 17.28 -16.97
CA PHE A 54 5.86 16.40 -18.20
C PHE A 54 7.39 16.18 -18.54
N ASP A 55 8.13 17.26 -18.59
CA ASP A 55 9.54 17.19 -18.91
C ASP A 55 10.30 16.18 -18.00
N TRP A 56 9.81 15.93 -16.79
CA TRP A 56 10.48 14.97 -15.95
C TRP A 56 10.38 13.58 -16.57
N LEU A 57 9.48 13.41 -17.53
CA LEU A 57 9.31 12.09 -18.14
C LEU A 57 10.03 11.94 -19.51
N ASP A 58 10.91 12.92 -19.84
CA ASP A 58 11.58 12.97 -21.16
C ASP A 58 12.31 11.66 -21.49
N ASP A 59 13.04 11.08 -20.52
CA ASP A 59 13.71 9.77 -20.72
C ASP A 59 12.82 8.55 -20.40
N GLY A 60 11.50 8.74 -20.44
CA GLY A 60 10.52 7.68 -20.14
C GLY A 60 10.28 7.28 -18.68
N TRP A 61 9.26 6.44 -18.50
CA TRP A 61 8.80 6.14 -17.16
C TRP A 61 9.82 5.40 -16.29
N LEU A 62 10.63 4.54 -16.93
CA LEU A 62 11.64 3.68 -16.24
C LEU A 62 12.75 4.47 -15.57
N THR A 63 13.24 5.47 -16.28
CA THR A 63 14.38 6.20 -15.79
C THR A 63 13.90 6.93 -14.55
N LEU A 64 12.70 7.50 -14.63
CA LEU A 64 12.13 8.28 -13.55
C LEU A 64 11.83 7.40 -12.34
N LEU A 65 11.25 6.22 -12.55
CA LEU A 65 11.01 5.32 -11.43
C LEU A 65 12.31 4.95 -10.75
N ARG A 66 13.34 4.67 -11.55
CA ARG A 66 14.64 4.24 -11.05
C ARG A 66 15.27 5.37 -10.30
N ARG A 67 15.07 6.57 -10.80
CA ARG A 67 15.58 7.74 -10.08
C ARG A 67 14.82 7.91 -8.74
N TRP A 68 13.49 7.79 -8.78
CA TRP A 68 12.69 7.94 -7.56
C TRP A 68 13.07 6.88 -6.50
N LEU A 69 13.33 5.67 -6.97
CA LEU A 69 13.66 4.57 -6.06
C LEU A 69 15.03 4.82 -5.40
N ASN A 70 15.93 5.39 -6.18
CA ASN A 70 17.21 5.83 -5.68
C ASN A 70 17.17 7.04 -4.75
N ASP A 71 16.25 7.99 -4.99
CA ASP A 71 16.12 9.09 -4.04
C ASP A 71 15.65 8.59 -2.69
N ALA A 72 14.77 7.60 -2.69
CA ALA A 72 14.27 7.07 -1.44
C ALA A 72 15.38 6.29 -0.68
N GLN A 73 16.11 5.45 -1.41
CA GLN A 73 17.23 4.73 -0.82
C GLN A 73 18.19 5.73 -0.17
N ARG A 74 18.68 6.62 -1.01
CA ARG A 74 19.57 7.66 -0.54
C ARG A 74 19.04 8.50 0.65
N ALA A 75 17.73 8.68 0.77
CA ALA A 75 17.20 9.56 1.83
C ALA A 75 16.95 8.82 3.16
N GLY A 76 17.21 7.50 3.16
CA GLY A 76 17.10 6.73 4.39
C GLY A 76 15.76 6.05 4.63
N VAL A 77 14.83 6.15 3.69
CA VAL A 77 13.56 5.41 3.75
C VAL A 77 13.80 3.94 4.02
N SER A 78 13.10 3.35 5.00
CA SER A 78 13.17 1.86 5.21
C SER A 78 12.45 1.08 4.12
N GLU A 79 13.01 -0.07 3.72
CA GLU A 79 12.48 -0.85 2.60
C GLU A 79 12.02 0.01 1.41
N PRO A 80 12.93 0.82 0.82
CA PRO A 80 12.51 1.73 -0.26
C PRO A 80 12.00 1.00 -1.49
N ASN A 81 12.26 -0.29 -1.56
CA ASN A 81 11.76 -1.04 -2.71
C ASN A 81 10.45 -1.91 -2.39
N ALA A 82 9.93 -1.77 -1.17
CA ALA A 82 8.70 -2.44 -0.84
C ALA A 82 7.54 -1.76 -1.56
N MET A 83 6.60 -2.54 -2.05
CA MET A 83 5.40 -1.97 -2.61
C MET A 83 4.21 -2.73 -2.07
N VAL A 84 3.08 -2.05 -1.93
CA VAL A 84 1.84 -2.70 -1.55
C VAL A 84 1.13 -3.19 -2.84
N LEU A 85 0.94 -4.51 -2.92
CA LEU A 85 0.36 -5.21 -4.05
C LEU A 85 -1.07 -5.57 -3.77
N ALA A 86 -1.95 -5.21 -4.71
CA ALA A 86 -3.37 -5.56 -4.67
C ALA A 86 -3.69 -6.61 -5.71
N THR A 87 -4.38 -7.63 -5.28
CA THR A 87 -4.93 -8.60 -6.17
C THR A 87 -6.45 -8.68 -5.90
N VAL A 88 -7.12 -9.59 -6.58
CA VAL A 88 -8.54 -9.75 -6.49
C VAL A 88 -8.84 -11.19 -6.05
N ALA A 89 -9.73 -11.36 -5.07
CA ALA A 89 -10.17 -12.70 -4.67
C ALA A 89 -11.70 -12.74 -4.74
N ASP A 90 -12.20 -13.42 -5.78
CA ASP A 90 -13.64 -13.64 -5.94
C ASP A 90 -14.32 -12.27 -6.09
N GLY A 91 -13.73 -11.43 -6.94
CA GLY A 91 -14.25 -10.08 -7.21
C GLY A 91 -13.92 -8.97 -6.21
N LYS A 92 -13.25 -9.30 -5.09
CA LYS A 92 -12.97 -8.31 -4.02
C LYS A 92 -11.46 -8.09 -3.89
N PRO A 93 -11.03 -6.86 -3.60
CA PRO A 93 -9.62 -6.55 -3.64
C PRO A 93 -8.92 -7.01 -2.39
N VAL A 94 -7.68 -7.49 -2.50
CA VAL A 94 -6.85 -7.86 -1.32
C VAL A 94 -5.48 -7.24 -1.43
N THR A 95 -4.98 -6.64 -0.34
CA THR A 95 -3.68 -5.93 -0.38
C THR A 95 -2.65 -6.54 0.58
N ARG A 96 -1.38 -6.54 0.17
CA ARG A 96 -0.29 -6.81 1.11
C ARG A 96 1.07 -6.35 0.56
N SER A 97 2.09 -6.32 1.41
CA SER A 97 3.35 -5.74 0.94
C SER A 97 4.23 -6.80 0.38
N VAL A 98 4.93 -6.48 -0.72
CA VAL A 98 5.97 -7.34 -1.30
C VAL A 98 7.14 -6.47 -1.62
N LEU A 99 8.26 -7.14 -1.91
CA LEU A 99 9.51 -6.49 -2.21
C LEU A 99 9.82 -6.54 -3.68
N CYS A 100 9.94 -5.35 -4.31
CA CYS A 100 10.27 -5.27 -5.74
C CYS A 100 11.71 -5.67 -5.89
N LYS A 101 11.99 -6.66 -6.72
CA LYS A 101 13.39 -7.14 -6.85
C LYS A 101 14.04 -6.88 -8.20
N ILE A 102 13.23 -6.70 -9.24
CA ILE A 102 13.65 -6.38 -10.60
C ILE A 102 12.74 -5.28 -11.16
N LEU A 103 13.41 -4.25 -11.81
CA LEU A 103 12.67 -3.15 -12.39
C LEU A 103 13.29 -2.98 -13.78
N ASP A 104 12.54 -3.24 -14.85
CA ASP A 104 13.03 -2.89 -16.19
C ASP A 104 11.85 -2.63 -17.12
N GLU A 105 12.16 -2.45 -18.42
CA GLU A 105 11.01 -2.20 -19.40
C GLU A 105 9.86 -3.20 -19.35
N SER A 106 10.09 -4.38 -18.79
CA SER A 106 8.98 -5.35 -18.77
C SER A 106 8.09 -5.19 -17.51
N GLY A 107 8.59 -4.43 -16.53
CA GLY A 107 7.74 -4.00 -15.44
C GLY A 107 8.38 -4.17 -14.10
N VAL A 108 7.58 -4.50 -13.10
CA VAL A 108 8.11 -4.69 -11.72
C VAL A 108 7.89 -6.12 -11.28
N ALA A 109 8.97 -6.76 -10.79
CA ALA A 109 8.87 -8.16 -10.37
C ALA A 109 9.15 -8.37 -8.91
N PHE A 110 8.45 -9.34 -8.32
CA PHE A 110 8.64 -9.77 -6.96
C PHE A 110 8.56 -11.31 -6.85
N PHE A 111 9.00 -11.82 -5.70
CA PHE A 111 9.11 -13.28 -5.49
C PHE A 111 8.28 -13.76 -4.33
N THR A 112 7.73 -14.96 -4.48
CA THR A 112 6.75 -15.47 -3.57
C THR A 112 6.50 -16.96 -3.83
N SER A 113 5.89 -17.64 -2.87
CA SER A 113 5.40 -18.98 -3.09
C SER A 113 4.16 -18.99 -4.00
N TYR A 114 4.15 -19.84 -5.04
CA TYR A 114 2.97 -20.09 -5.88
C TYR A 114 1.80 -20.64 -5.06
N THR A 115 2.12 -21.24 -3.92
CA THR A 115 1.10 -21.83 -3.08
C THR A 115 0.37 -20.81 -2.16
N SER A 116 0.85 -19.58 -2.11
CA SER A 116 0.30 -18.55 -1.22
C SER A 116 -1.06 -18.02 -1.74
N ALA A 117 -1.82 -17.30 -0.92
CA ALA A 117 -3.05 -16.70 -1.45
C ALA A 117 -2.81 -15.73 -2.65
N LYS A 118 -1.76 -14.90 -2.60
CA LYS A 118 -1.35 -14.02 -3.74
C LYS A 118 -1.29 -14.81 -5.03
N GLY A 119 -0.64 -15.99 -4.97
CA GLY A 119 -0.46 -16.92 -6.11
C GLY A 119 -1.75 -17.46 -6.71
N GLU A 120 -2.63 -17.93 -5.83
CA GLU A 120 -3.92 -18.44 -6.26
C GLU A 120 -4.80 -17.35 -6.93
N GLN A 121 -4.82 -16.17 -6.32
CA GLN A 121 -5.61 -15.04 -6.78
C GLN A 121 -5.11 -14.58 -8.13
N LEU A 122 -3.79 -14.61 -8.30
CA LEU A 122 -3.20 -14.15 -9.52
C LEU A 122 -3.38 -15.17 -10.61
N ALA A 123 -3.63 -16.42 -10.22
CA ALA A 123 -3.84 -17.51 -11.18
C ALA A 123 -5.23 -17.40 -11.77
N VAL A 124 -6.26 -17.13 -10.95
CA VAL A 124 -7.61 -16.80 -11.45
C VAL A 124 -7.64 -15.46 -12.23
N THR A 125 -7.13 -14.38 -11.62
CA THR A 125 -7.21 -13.05 -12.22
C THR A 125 -5.81 -12.48 -12.35
N PRO A 126 -5.16 -12.69 -13.53
CA PRO A 126 -3.76 -12.24 -13.70
C PRO A 126 -3.63 -10.74 -14.08
N TYR A 127 -4.12 -9.90 -13.19
CA TYR A 127 -3.87 -8.47 -13.22
C TYR A 127 -3.66 -8.05 -11.78
N ALA A 128 -2.78 -7.07 -11.61
CA ALA A 128 -2.47 -6.52 -10.32
C ALA A 128 -2.31 -5.01 -10.42
N SER A 129 -2.33 -4.40 -9.23
CA SER A 129 -1.79 -3.06 -9.04
C SER A 129 -0.84 -3.04 -7.83
N ALA A 130 0.23 -2.24 -7.92
CA ALA A 130 1.16 -2.02 -6.84
C ALA A 130 1.41 -0.51 -6.65
N THR A 131 1.64 -0.10 -5.40
CA THR A 131 1.96 1.27 -5.02
C THR A 131 3.24 1.30 -4.16
N PHE A 132 4.18 2.18 -4.50
CA PHE A 132 5.37 2.41 -3.66
C PHE A 132 5.02 3.62 -2.80
N PRO A 133 4.92 3.43 -1.46
CA PRO A 133 4.44 4.46 -0.57
C PRO A 133 5.60 5.22 0.09
N TRP A 134 6.15 6.21 -0.60
CA TRP A 134 7.32 7.01 -0.07
C TRP A 134 6.91 8.25 0.72
N TYR A 135 6.13 8.05 1.80
CA TYR A 135 5.55 9.16 2.55
C TYR A 135 6.62 10.18 2.99
N GLN A 136 7.79 9.70 3.46
CA GLN A 136 8.80 10.64 3.93
C GLN A 136 9.11 11.76 2.90
N LEU A 137 8.93 11.46 1.61
CA LEU A 137 9.34 12.36 0.54
C LEU A 137 8.12 12.99 -0.16
N GLY A 138 6.92 12.73 0.35
CA GLY A 138 5.68 13.17 -0.29
C GLY A 138 5.53 12.60 -1.69
N ARG A 139 5.94 11.33 -1.86
CA ARG A 139 5.85 10.72 -3.16
C ARG A 139 5.21 9.34 -3.18
N GLN A 140 4.55 8.95 -4.33
CA GLN A 140 4.00 7.62 -4.54
C GLN A 140 4.20 7.35 -6.03
N ALA A 141 4.38 6.08 -6.38
CA ALA A 141 4.24 5.64 -7.75
C ALA A 141 3.35 4.39 -7.79
N HIS A 142 2.43 4.33 -8.76
CA HIS A 142 1.54 3.15 -8.94
C HIS A 142 1.78 2.51 -10.27
N VAL A 143 1.76 1.18 -10.30
CA VAL A 143 1.95 0.48 -11.56
C VAL A 143 0.79 -0.49 -11.66
N GLN A 144 0.05 -0.47 -12.76
CA GLN A 144 -0.88 -1.58 -12.97
C GLN A 144 -0.85 -2.25 -14.35
N GLY A 145 -1.16 -3.55 -14.39
CA GLY A 145 -1.07 -4.32 -15.63
C GLY A 145 -1.34 -5.81 -15.49
N PRO A 146 -1.29 -6.56 -16.62
CA PRO A 146 -1.39 -8.02 -16.54
C PRO A 146 -0.13 -8.57 -15.91
N VAL A 147 -0.28 -9.70 -15.21
CA VAL A 147 0.83 -10.34 -14.52
C VAL A 147 1.31 -11.56 -15.35
N SER A 148 2.60 -11.83 -15.39
CA SER A 148 3.08 -13.10 -15.90
C SER A 148 4.15 -13.67 -14.95
N LYS A 149 4.38 -14.99 -15.01
CA LYS A 149 5.45 -15.65 -14.26
C LYS A 149 6.85 -15.23 -14.81
N VAL A 150 7.86 -15.20 -13.95
CA VAL A 150 9.22 -14.94 -14.43
C VAL A 150 9.85 -16.28 -14.84
N SER A 151 10.92 -16.25 -15.61
CA SER A 151 11.64 -17.46 -16.09
C SER A 151 12.31 -18.29 -14.97
N THR A 152 12.38 -19.61 -15.16
CA THR A 152 13.15 -20.53 -14.24
C THR A 152 14.59 -20.01 -14.04
N GLU A 153 15.19 -19.59 -15.16
CA GLU A 153 16.39 -18.78 -15.24
C GLU A 153 16.44 -17.69 -14.13
N GLU A 154 15.56 -16.68 -14.23
CA GLU A 154 15.50 -15.57 -13.28
C GLU A 154 15.26 -16.04 -11.84
N ILE A 155 14.35 -17.01 -11.64
CA ILE A 155 14.11 -17.50 -10.29
C ILE A 155 15.36 -18.00 -9.61
N PHE A 156 16.21 -18.73 -10.34
CA PHE A 156 17.46 -19.29 -9.80
C PHE A 156 18.42 -18.16 -9.32
N THR A 157 18.77 -17.26 -10.24
CA THR A 157 19.52 -16.02 -9.93
C THR A 157 19.08 -15.31 -8.62
N TYR A 158 17.83 -14.83 -8.55
CA TYR A 158 17.40 -14.11 -7.33
C TYR A 158 17.32 -15.02 -6.10
N TRP A 159 16.97 -16.28 -6.30
CA TRP A 159 17.08 -17.24 -5.23
C TRP A 159 18.54 -17.38 -4.71
N SER A 160 19.54 -17.26 -5.60
CA SER A 160 20.92 -17.54 -5.20
C SER A 160 21.56 -16.31 -4.46
N MET A 161 20.97 -15.13 -4.64
CA MET A 161 21.48 -13.89 -3.98
C MET A 161 20.94 -13.77 -2.56
N ARG A 162 19.90 -14.52 -2.34
CA ARG A 162 19.17 -14.56 -1.06
C ARG A 162 20.06 -15.01 0.08
N PRO A 163 20.19 -14.24 1.16
CA PRO A 163 20.99 -14.66 2.26
C PRO A 163 20.40 -15.95 2.73
N ARG A 164 21.27 -16.92 3.03
CA ARG A 164 20.77 -18.22 3.51
C ARG A 164 19.98 -18.02 4.83
N GLY A 165 20.11 -17.00 5.56
CA GLY A 165 19.27 -16.94 6.77
C GLY A 165 17.78 -16.98 6.33
N ALA A 166 17.58 -16.44 5.13
CA ALA A 166 16.28 -16.30 4.47
C ALA A 166 15.91 -17.51 3.61
N GLN A 167 16.92 -18.14 3.05
CA GLN A 167 16.73 -19.33 2.20
C GLN A 167 16.03 -20.42 3.01
N LEU A 168 16.48 -20.50 4.24
CA LEU A 168 15.96 -21.47 5.22
C LEU A 168 14.50 -21.11 5.54
N GLY A 169 14.36 -19.82 5.85
CA GLY A 169 13.08 -19.19 6.21
C GLY A 169 11.99 -19.54 5.18
N ALA A 170 12.35 -19.42 3.92
CA ALA A 170 11.41 -19.71 2.83
C ALA A 170 10.93 -21.16 2.96
N TRP A 171 11.89 -22.06 2.98
CA TRP A 171 11.65 -23.51 3.10
C TRP A 171 10.83 -23.81 4.36
N ALA A 172 11.05 -23.09 5.47
CA ALA A 172 10.49 -23.29 6.80
C ALA A 172 8.98 -23.05 6.77
N SER A 173 8.58 -22.07 5.97
CA SER A 173 7.17 -21.71 5.80
C SER A 173 6.48 -22.89 5.15
N GLN A 174 5.67 -23.55 5.95
CA GLN A 174 4.97 -24.74 5.50
C GLN A 174 3.65 -24.41 4.91
N GLN A 175 3.78 -23.78 3.82
CA GLN A 175 2.69 -23.39 3.03
C GLN A 175 1.43 -23.98 3.61
N SER A 176 0.54 -23.08 3.80
CA SER A 176 -0.80 -23.30 4.30
C SER A 176 -0.97 -24.67 5.06
N ARG A 177 -0.14 -24.89 6.12
CA ARG A 177 -0.24 -26.08 7.05
C ARG A 177 -0.83 -25.54 8.35
N PRO A 178 -1.84 -26.14 9.00
CA PRO A 178 -2.39 -25.53 10.20
C PRO A 178 -1.31 -25.29 11.25
N VAL A 179 -1.45 -24.14 11.92
CA VAL A 179 -0.51 -23.70 12.98
C VAL A 179 -1.30 -23.11 14.17
N GLY A 180 -0.91 -23.46 15.45
CA GLY A 180 -1.59 -22.99 16.68
C GLY A 180 -0.67 -22.20 17.58
N SER A 181 0.58 -22.41 17.42
CA SER A 181 1.50 -21.72 18.23
C SER A 181 2.68 -21.33 17.47
N ARG A 182 3.37 -20.60 18.13
CA ARG A 182 4.52 -20.01 17.70
C ARG A 182 5.71 -20.96 17.92
N ALA A 183 5.57 -21.83 18.88
CA ALA A 183 6.62 -22.79 19.13
C ALA A 183 6.74 -23.68 17.89
N GLN A 184 5.57 -24.01 17.36
CA GLN A 184 5.42 -24.86 16.17
C GLN A 184 6.12 -24.24 14.97
N LEU A 185 6.19 -23.02 14.95
CA LEU A 185 6.86 -22.30 13.87
C LEU A 185 8.36 -22.50 14.00
N ASP A 186 8.78 -22.49 15.24
CA ASP A 186 10.16 -22.63 15.61
C ASP A 186 10.68 -24.02 15.24
N ASN A 187 9.86 -25.00 15.53
CA ASN A 187 10.22 -26.38 15.24
C ASN A 187 10.37 -26.55 13.73
N GLN A 188 9.53 -25.87 13.00
CA GLN A 188 9.53 -25.92 11.53
C GLN A 188 10.91 -25.47 11.02
N LEU A 189 11.37 -24.32 11.52
CA LEU A 189 12.68 -23.78 11.12
C LEU A 189 13.80 -24.67 11.64
N ALA A 190 13.77 -25.20 12.89
CA ALA A 190 14.78 -26.15 13.39
C ALA A 190 14.88 -27.38 12.49
N GLU A 191 13.73 -28.00 12.19
CA GLU A 191 13.66 -29.19 11.34
C GLU A 191 14.29 -28.94 9.97
N VAL A 192 14.00 -27.78 9.38
CA VAL A 192 14.53 -27.40 8.06
C VAL A 192 16.02 -27.12 8.13
N THR A 193 16.47 -26.56 9.25
CA THR A 193 17.88 -26.23 9.48
C THR A 193 18.80 -27.45 9.54
N ARG A 194 18.36 -28.49 10.27
CA ARG A 194 19.06 -29.79 10.38
C ARG A 194 19.17 -30.45 9.01
N ARG A 195 18.19 -30.51 8.34
CA ARG A 195 17.93 -31.18 7.06
C ARG A 195 18.89 -30.66 5.98
N PHE A 196 19.32 -29.42 6.15
CA PHE A 196 20.22 -28.75 5.18
C PHE A 196 21.59 -28.36 5.80
N ALA A 197 21.75 -28.66 7.06
CA ALA A 197 23.00 -28.34 7.82
C ALA A 197 24.31 -28.60 7.01
N ASP A 198 24.35 -29.74 6.33
CA ASP A 198 25.55 -30.17 5.54
C ASP A 198 25.52 -29.70 4.08
N GLN A 199 24.65 -28.77 3.79
CA GLN A 199 24.49 -28.23 2.42
C GLN A 199 24.84 -26.74 2.38
N ASP A 200 25.64 -26.34 1.44
CA ASP A 200 26.00 -24.93 1.36
C ASP A 200 25.27 -24.28 0.20
N GLN A 201 24.67 -25.07 -0.60
CA GLN A 201 23.94 -24.55 -1.74
C GLN A 201 22.50 -25.04 -1.71
N ILE A 202 21.75 -24.43 -0.80
CA ILE A 202 20.33 -24.75 -0.58
C ILE A 202 19.52 -24.53 -1.87
N PRO A 203 18.77 -25.67 -2.22
CA PRO A 203 18.01 -25.51 -3.46
C PRO A 203 16.64 -24.76 -3.31
N VAL A 204 16.17 -24.23 -4.46
CA VAL A 204 14.86 -23.57 -4.66
C VAL A 204 13.72 -24.50 -4.22
N PRO A 205 12.80 -24.06 -3.31
CA PRO A 205 11.61 -24.87 -2.99
C PRO A 205 10.79 -25.09 -4.25
N PRO A 206 10.07 -26.22 -4.32
CA PRO A 206 9.38 -26.70 -5.54
C PRO A 206 8.29 -25.72 -6.10
N GLY A 207 7.63 -25.00 -5.20
CA GLY A 207 6.70 -23.98 -5.63
C GLY A 207 7.05 -22.55 -5.27
N TRP A 208 8.28 -22.15 -5.48
CA TRP A 208 8.66 -20.79 -5.19
C TRP A 208 9.14 -20.18 -6.47
N GLY A 209 8.52 -19.07 -6.90
CA GLY A 209 9.04 -18.30 -8.04
C GLY A 209 8.67 -16.82 -7.95
N GLY A 210 8.55 -16.15 -9.08
CA GLY A 210 8.17 -14.74 -9.10
C GLY A 210 7.02 -14.32 -9.99
N TYR A 211 6.56 -13.08 -9.84
CA TYR A 211 5.55 -12.54 -10.77
C TYR A 211 6.00 -11.15 -11.26
N ARG A 212 5.56 -10.74 -12.44
CA ARG A 212 5.97 -9.43 -12.94
C ARG A 212 4.79 -8.64 -13.48
N ILE A 213 4.52 -7.47 -12.90
CA ILE A 213 3.42 -6.61 -13.39
C ILE A 213 3.89 -5.78 -14.61
N ALA A 214 3.26 -5.99 -15.77
CA ALA A 214 3.56 -5.15 -16.94
C ALA A 214 3.15 -3.67 -16.72
N PRO A 215 3.99 -2.75 -17.17
CA PRO A 215 3.74 -1.32 -16.95
C PRO A 215 2.62 -0.74 -17.82
N GLU A 216 1.44 -1.33 -17.84
CA GLU A 216 0.38 -0.79 -18.70
C GLU A 216 -0.06 0.63 -18.32
N ILE A 217 -0.17 0.88 -17.02
CA ILE A 217 -0.51 2.22 -16.50
C ILE A 217 0.38 2.51 -15.32
N VAL A 218 1.08 3.62 -15.39
CA VAL A 218 2.03 4.02 -14.35
C VAL A 218 1.70 5.42 -13.91
N GLU A 219 1.57 5.65 -12.61
CA GLU A 219 1.23 7.01 -12.19
C GLU A 219 2.26 7.50 -11.18
N PHE A 220 2.74 8.71 -11.38
CA PHE A 220 3.67 9.34 -10.44
C PHE A 220 2.88 10.40 -9.66
N TRP A 221 3.05 10.40 -8.34
CA TRP A 221 2.32 11.30 -7.48
C TRP A 221 3.37 12.10 -6.62
N GLN A 222 3.44 13.42 -6.81
CA GLN A 222 4.27 14.24 -5.94
C GLN A 222 3.36 15.16 -5.14
N GLY A 223 3.29 14.93 -3.82
CA GLY A 223 2.48 15.81 -2.91
C GLY A 223 3.07 17.21 -2.72
N ARG A 224 2.19 18.14 -2.37
CA ARG A 224 2.55 19.54 -2.14
C ARG A 224 1.73 20.06 -0.94
N GLU A 225 2.37 20.78 -0.02
CA GLU A 225 1.71 21.36 1.19
C GLU A 225 0.38 22.02 0.93
N ASN A 226 0.21 22.58 -0.46
CA ASN A 226 -1.06 23.33 -0.49
C ASN A 226 -2.17 22.48 -1.21
N ARG A 227 -2.03 21.14 -1.03
CA ARG A 227 -3.02 20.05 -1.54
C ARG A 227 -3.16 19.94 -3.06
N MET A 228 -2.45 20.75 -3.78
CA MET A 228 -2.52 20.71 -5.23
C MET A 228 -1.37 19.83 -5.73
N HIS A 229 -1.61 18.53 -5.50
CA HIS A 229 -0.66 17.47 -5.86
C HIS A 229 -0.47 17.35 -7.38
N ASN A 230 0.81 17.00 -7.72
CA ASN A 230 1.24 16.81 -9.11
C ASN A 230 1.19 15.32 -9.45
N ARG A 231 0.35 15.03 -10.45
CA ARG A 231 -0.10 13.70 -10.84
C ARG A 231 0.09 13.53 -12.34
N ILE A 232 1.07 12.72 -12.72
CA ILE A 232 1.24 12.37 -14.14
C ILE A 232 0.98 10.87 -14.43
N ARG A 233 0.06 10.60 -15.35
CA ARG A 233 -0.28 9.21 -15.71
C ARG A 233 0.34 8.89 -17.05
N VAL A 234 0.98 7.73 -17.15
CA VAL A 234 1.61 7.27 -18.39
C VAL A 234 0.83 6.06 -18.93
N ALA A 235 0.41 6.09 -20.19
CA ALA A 235 -0.40 5.03 -20.79
C ALA A 235 -0.37 5.17 -22.32
N ASN A 236 0.04 4.10 -23.01
CA ASN A 236 0.25 4.10 -24.48
C ASN A 236 1.30 5.11 -24.94
N GLY A 237 2.42 5.25 -24.21
CA GLY A 237 3.37 6.33 -24.49
C GLY A 237 2.82 7.76 -24.35
N ARG A 238 1.48 7.93 -24.33
CA ARG A 238 0.83 9.24 -24.06
C ARG A 238 1.06 9.66 -22.58
N LEU A 239 1.09 10.96 -22.25
CA LEU A 239 1.14 11.46 -20.84
C LEU A 239 -0.12 12.26 -20.47
N GLU A 240 -0.61 12.18 -19.25
CA GLU A 240 -1.80 12.95 -18.89
C GLU A 240 -1.68 13.54 -17.49
N ARG A 241 -2.03 14.81 -17.37
CA ARG A 241 -1.97 15.40 -16.07
C ARG A 241 -3.35 15.22 -15.42
N LEU A 242 -3.38 14.75 -14.15
CA LEU A 242 -4.67 14.54 -13.42
C LEU A 242 -5.00 15.59 -12.36
N GLN A 243 -6.27 15.92 -12.19
CA GLN A 243 -6.68 16.79 -11.07
C GLN A 243 -6.27 16.16 -9.72
N PRO A 244 -5.72 16.94 -8.78
CA PRO A 244 -5.25 16.34 -7.51
C PRO A 244 -6.21 15.35 -6.86
N GLY A 245 -7.48 15.77 -6.74
CA GLY A 245 -8.52 14.95 -6.16
C GLY A 245 -9.10 13.96 -7.18
N SER A 246 -8.21 13.50 -8.05
CA SER A 246 -8.32 12.29 -8.92
C SER A 246 -8.82 12.77 -10.23
N PRO B 44 13.51 -9.93 14.39
CA PRO B 44 12.98 -9.51 15.69
C PRO B 44 13.42 -8.12 16.15
N GLU B 45 14.69 -7.74 15.98
CA GLU B 45 15.15 -6.29 15.97
C GLU B 45 14.02 -5.23 15.73
N LYS B 46 13.37 -5.22 14.53
CA LYS B 46 12.87 -3.91 14.03
C LYS B 46 11.82 -3.16 14.90
N ASP B 47 10.93 -3.79 15.65
CA ASP B 47 10.08 -3.01 16.53
C ASP B 47 10.51 -3.10 18.00
N GLY B 48 11.67 -3.69 18.25
CA GLY B 48 12.19 -3.84 19.61
C GLY B 48 11.43 -4.83 20.49
N CME B 49 10.94 -5.78 20.02
CA CME B 49 9.83 -6.57 20.58
CB CME B 49 8.56 -6.18 19.83
SG CME B 49 8.12 -4.56 20.28
SD CME B 49 6.50 -4.49 21.37
CE CME B 49 7.33 -4.19 22.96
CZ CME B 49 6.78 -4.92 24.21
OH CME B 49 5.41 -5.38 24.05
C CME B 49 9.99 -7.88 20.32
O CME B 49 10.45 -8.28 19.25
N GLY B 50 9.18 -8.74 21.32
CA GLY B 50 8.98 -10.17 21.08
C GLY B 50 7.83 -10.39 20.08
N ASP B 51 7.54 -11.66 19.87
CA ASP B 51 6.53 -12.14 18.93
C ASP B 51 5.12 -11.77 19.26
N LEU B 52 4.49 -11.30 18.25
CA LEU B 52 3.14 -10.99 18.32
C LEU B 52 2.48 -12.38 18.48
N ASP B 53 1.49 -12.44 19.34
CA ASP B 53 0.80 -13.71 19.64
C ASP B 53 -0.67 -13.44 20.03
N PHE B 54 -1.46 -14.50 20.14
CA PHE B 54 -2.91 -14.36 20.48
C PHE B 54 -3.09 -13.49 21.72
N ASP B 55 -2.20 -13.50 22.71
CA ASP B 55 -2.42 -12.67 23.88
C ASP B 55 -2.30 -11.16 23.58
N TRP B 56 -1.55 -10.78 22.55
CA TRP B 56 -1.55 -9.36 22.15
C TRP B 56 -2.94 -8.90 21.70
N LEU B 57 -3.81 -9.85 21.36
CA LEU B 57 -5.18 -9.49 20.97
C LEU B 57 -6.20 -9.51 22.11
N ASP B 58 -5.75 -9.82 23.34
CA ASP B 58 -6.69 -9.92 24.45
C ASP B 58 -7.80 -8.84 24.57
N ASP B 59 -7.44 -7.56 24.39
CA ASP B 59 -8.45 -6.47 24.42
C ASP B 59 -8.96 -6.11 23.06
N GLY B 60 -8.95 -7.04 22.10
CA GLY B 60 -9.60 -6.84 20.78
C GLY B 60 -8.75 -6.16 19.70
N TRP B 61 -9.17 -6.27 18.43
CA TRP B 61 -8.40 -5.71 17.30
C TRP B 61 -8.29 -4.17 17.38
N LEU B 62 -9.35 -3.47 17.79
CA LEU B 62 -9.35 -2.01 17.82
C LEU B 62 -8.25 -1.45 18.66
N THR B 63 -8.05 -2.05 19.83
CA THR B 63 -7.09 -1.55 20.79
C THR B 63 -5.68 -1.83 20.28
N LEU B 64 -5.51 -2.94 19.58
CA LEU B 64 -4.17 -3.25 19.11
C LEU B 64 -3.81 -2.34 17.91
N LEU B 65 -4.72 -2.21 16.94
CA LEU B 65 -4.52 -1.27 15.86
C LEU B 65 -4.21 0.13 16.41
N ARG B 66 -4.94 0.60 17.45
CA ARG B 66 -4.64 1.93 18.07
C ARG B 66 -3.23 2.00 18.68
N ARG B 67 -2.81 0.92 19.36
CA ARG B 67 -1.47 0.85 19.93
C ARG B 67 -0.43 0.93 18.80
N TRP B 68 -0.65 0.14 17.74
CA TRP B 68 0.29 0.11 16.64
C TRP B 68 0.41 1.46 15.90
N LEU B 69 -0.72 2.11 15.71
CA LEU B 69 -0.74 3.44 15.16
C LEU B 69 0.09 4.42 16.03
N ASN B 70 -0.16 4.36 17.34
CA ASN B 70 0.58 5.16 18.28
C ASN B 70 2.08 4.82 18.32
N ASP B 71 2.43 3.54 18.21
CA ASP B 71 3.84 3.17 18.19
C ASP B 71 4.48 3.76 16.97
N ALA B 72 3.73 3.84 15.88
CA ALA B 72 4.27 4.33 14.62
C ALA B 72 4.62 5.80 14.75
N GLN B 73 3.72 6.55 15.38
CA GLN B 73 3.97 7.95 15.78
C GLN B 73 5.22 8.11 16.70
N ARG B 74 5.21 7.39 17.83
CA ARG B 74 6.33 7.59 18.80
C ARG B 74 7.67 7.36 18.10
N ALA B 75 7.70 6.48 17.13
CA ALA B 75 8.93 6.10 16.45
C ALA B 75 9.37 7.10 15.35
N GLY B 76 8.54 8.10 15.07
CA GLY B 76 8.86 9.09 14.02
C GLY B 76 8.53 8.72 12.58
N VAL B 77 7.79 7.63 12.38
CA VAL B 77 7.28 7.20 11.06
C VAL B 77 6.51 8.33 10.35
N SER B 78 6.82 8.64 9.08
CA SER B 78 6.11 9.67 8.35
C SER B 78 4.75 9.14 8.03
N GLU B 79 3.71 9.99 8.18
CA GLU B 79 2.32 9.67 7.92
C GLU B 79 1.93 8.37 8.56
N PRO B 80 2.06 8.29 9.89
CA PRO B 80 1.78 7.02 10.59
C PRO B 80 0.37 6.48 10.22
N ASN B 81 -0.61 7.37 10.05
CA ASN B 81 -1.98 6.91 9.79
C ASN B 81 -2.35 6.70 8.32
N ALA B 82 -1.40 6.83 7.39
CA ALA B 82 -1.69 6.60 5.98
C ALA B 82 -1.76 5.11 5.68
N MET B 83 -2.60 4.78 4.72
CA MET B 83 -2.81 3.37 4.32
C MET B 83 -2.95 3.25 2.80
N VAL B 84 -2.47 2.16 2.20
CA VAL B 84 -2.75 1.95 0.75
C VAL B 84 -4.12 1.31 0.57
N LEU B 85 -5.02 2.02 -0.13
CA LEU B 85 -6.41 1.55 -0.35
C LEU B 85 -6.53 0.90 -1.73
N ALA B 86 -6.99 -0.35 -1.78
CA ALA B 86 -7.30 -0.97 -3.07
C ALA B 86 -8.77 -1.08 -3.30
N THR B 87 -9.16 -0.76 -4.43
CA THR B 87 -10.51 -0.90 -4.97
C THR B 87 -10.46 -1.73 -6.26
N VAL B 88 -11.62 -1.92 -6.82
CA VAL B 88 -11.77 -2.68 -8.07
C VAL B 88 -12.40 -1.84 -9.15
N ALA B 89 -11.85 -2.02 -10.32
CA ALA B 89 -12.30 -1.34 -11.52
C ALA B 89 -12.41 -2.35 -12.64
N ASP B 90 -13.64 -2.74 -12.85
CA ASP B 90 -14.04 -3.70 -13.87
C ASP B 90 -13.26 -5.01 -13.74
N GLY B 91 -13.25 -5.50 -12.51
CA GLY B 91 -12.62 -6.78 -12.14
C GLY B 91 -11.09 -6.70 -11.96
N LYS B 92 -10.54 -5.51 -12.09
CA LYS B 92 -9.08 -5.31 -11.94
C LYS B 92 -8.76 -4.40 -10.74
N PRO B 93 -7.81 -4.80 -9.86
CA PRO B 93 -7.43 -4.01 -8.68
C PRO B 93 -6.80 -2.66 -9.07
N VAL B 94 -6.96 -1.69 -8.17
CA VAL B 94 -6.40 -0.33 -8.33
C VAL B 94 -5.94 0.20 -6.96
N THR B 95 -4.71 0.76 -6.79
CA THR B 95 -4.18 1.16 -5.47
C THR B 95 -3.80 2.63 -5.41
N ARG B 96 -3.94 3.22 -4.22
CA ARG B 96 -3.38 4.52 -3.94
C ARG B 96 -3.54 4.74 -2.46
N SER B 97 -2.82 5.72 -1.90
CA SER B 97 -2.88 5.99 -0.47
C SER B 97 -3.98 6.99 -0.13
N VAL B 98 -4.59 6.76 1.04
CA VAL B 98 -5.52 7.65 1.73
C VAL B 98 -5.12 7.76 3.22
N LEU B 99 -5.64 8.77 3.88
CA LEU B 99 -5.32 8.97 5.27
C LEU B 99 -6.48 8.49 6.10
N CYS B 100 -6.19 7.56 7.03
CA CYS B 100 -7.18 7.08 7.99
C CYS B 100 -7.44 8.16 9.00
N LYS B 101 -8.65 8.70 9.01
CA LYS B 101 -9.00 9.80 9.93
C LYS B 101 -9.87 9.36 11.10
N ILE B 102 -10.60 8.26 10.93
CA ILE B 102 -11.37 7.70 12.01
C ILE B 102 -11.07 6.22 12.18
N LEU B 103 -10.68 5.85 13.38
CA LEU B 103 -10.50 4.45 13.74
C LEU B 103 -11.42 4.06 14.93
N ASP B 104 -12.50 3.31 14.69
CA ASP B 104 -13.27 2.77 15.84
C ASP B 104 -13.79 1.37 15.58
N GLU B 105 -14.80 0.97 16.37
CA GLU B 105 -15.38 -0.38 16.36
C GLU B 105 -16.02 -0.70 15.00
N SER B 106 -16.56 0.35 14.37
CA SER B 106 -17.17 0.16 13.07
C SER B 106 -16.16 0.20 11.90
N GLY B 107 -14.86 0.42 12.18
CA GLY B 107 -13.77 0.26 11.19
C GLY B 107 -12.88 1.48 10.89
N VAL B 108 -12.35 1.55 9.67
CA VAL B 108 -11.42 2.63 9.33
C VAL B 108 -12.01 3.57 8.27
N ALA B 109 -11.91 4.87 8.50
CA ALA B 109 -12.55 5.82 7.63
C ALA B 109 -11.60 6.87 7.07
N PHE B 110 -11.84 7.24 5.80
CA PHE B 110 -11.03 8.24 5.15
C PHE B 110 -11.93 9.18 4.36
N PHE B 111 -11.40 10.33 3.96
CA PHE B 111 -12.17 11.37 3.29
C PHE B 111 -11.60 11.70 1.95
N THR B 112 -12.49 11.97 0.99
CA THR B 112 -12.18 12.11 -0.43
C THR B 112 -13.43 12.65 -1.20
N SER B 113 -13.20 13.11 -2.43
CA SER B 113 -14.26 13.53 -3.32
C SER B 113 -14.99 12.28 -3.82
N TYR B 114 -16.32 12.25 -3.67
CA TYR B 114 -17.17 11.22 -4.27
C TYR B 114 -17.00 11.18 -5.79
N THR B 115 -16.49 12.23 -6.38
CA THR B 115 -16.37 12.20 -7.83
C THR B 115 -15.00 11.73 -8.34
N SER B 116 -14.16 11.22 -7.46
CA SER B 116 -12.89 10.63 -7.92
C SER B 116 -13.08 9.21 -8.56
N ALA B 117 -12.07 8.70 -9.28
CA ALA B 117 -12.07 7.28 -9.68
C ALA B 117 -12.39 6.33 -8.49
N LYS B 118 -11.75 6.57 -7.33
CA LYS B 118 -11.97 5.71 -6.17
C LYS B 118 -13.45 5.71 -5.72
N GLY B 119 -14.10 6.88 -5.76
CA GLY B 119 -15.54 6.98 -5.45
C GLY B 119 -16.43 6.22 -6.42
N GLU B 120 -16.10 6.32 -7.69
CA GLU B 120 -16.85 5.61 -8.71
C GLU B 120 -16.65 4.09 -8.56
N GLN B 121 -15.40 3.68 -8.35
CA GLN B 121 -15.08 2.30 -8.11
C GLN B 121 -15.81 1.75 -6.84
N LEU B 122 -15.86 2.52 -5.76
CA LEU B 122 -16.59 2.05 -4.57
C LEU B 122 -18.12 2.03 -4.73
N ALA B 123 -18.64 2.82 -5.67
CA ALA B 123 -20.08 2.87 -5.93
C ALA B 123 -20.51 1.59 -6.63
N VAL B 124 -19.76 1.16 -7.64
CA VAL B 124 -19.98 -0.10 -8.33
C VAL B 124 -19.70 -1.37 -7.48
N THR B 125 -18.64 -1.38 -6.68
CA THR B 125 -18.18 -2.60 -5.93
C THR B 125 -17.81 -2.12 -4.54
N PRO B 126 -18.77 -2.14 -3.63
CA PRO B 126 -18.53 -1.50 -2.34
C PRO B 126 -17.83 -2.44 -1.38
N TYR B 127 -16.64 -2.88 -1.80
CA TYR B 127 -15.66 -3.61 -0.92
C TYR B 127 -14.25 -3.03 -1.16
N ALA B 128 -13.45 -2.94 -0.08
CA ALA B 128 -12.07 -2.45 -0.13
C ALA B 128 -11.15 -3.33 0.73
N SER B 129 -9.86 -3.30 0.45
CA SER B 129 -8.87 -3.73 1.44
C SER B 129 -7.86 -2.59 1.60
N ALA B 130 -7.29 -2.41 2.80
CA ALA B 130 -6.28 -1.34 3.07
C ALA B 130 -5.10 -1.86 3.91
N THR B 131 -3.90 -1.34 3.69
CA THR B 131 -2.71 -1.74 4.42
C THR B 131 -1.96 -0.53 4.98
N PHE B 132 -1.71 -0.54 6.28
CA PHE B 132 -0.81 0.38 6.90
C PHE B 132 0.61 -0.18 6.72
N PRO B 133 1.44 0.46 5.87
CA PRO B 133 2.79 -0.08 5.61
C PRO B 133 3.88 0.46 6.61
N TRP B 134 3.94 -0.10 7.83
CA TRP B 134 4.91 0.42 8.76
C TRP B 134 6.33 -0.14 8.59
N TYR B 135 6.94 0.02 7.43
CA TYR B 135 8.20 -0.74 7.15
C TYR B 135 9.32 -0.59 8.18
N GLN B 136 9.51 0.65 8.63
CA GLN B 136 10.56 1.02 9.68
C GLN B 136 10.43 0.20 10.98
N LEU B 137 9.16 -0.31 11.31
CA LEU B 137 8.99 -1.15 12.51
C LEU B 137 8.80 -2.61 12.13
N GLY B 138 8.92 -2.89 10.83
CA GLY B 138 8.70 -4.23 10.30
C GLY B 138 7.30 -4.68 10.62
N ARG B 139 6.30 -3.81 10.46
CA ARG B 139 4.95 -4.22 10.76
C ARG B 139 3.99 -3.82 9.62
N GLN B 140 2.89 -4.55 9.51
CA GLN B 140 1.78 -4.18 8.63
C GLN B 140 0.46 -4.47 9.33
N ALA B 141 -0.54 -3.65 9.04
CA ALA B 141 -1.89 -4.11 9.37
C ALA B 141 -2.76 -3.98 8.13
N HIS B 142 -3.50 -5.05 7.83
CA HIS B 142 -4.48 -5.07 6.75
C HIS B 142 -5.91 -5.10 7.31
N VAL B 143 -6.85 -4.50 6.59
CA VAL B 143 -8.25 -4.46 6.99
C VAL B 143 -9.07 -4.67 5.73
N GLN B 144 -9.87 -5.72 5.67
CA GLN B 144 -10.80 -5.78 4.55
C GLN B 144 -12.29 -5.94 4.93
N GLY B 145 -13.16 -5.46 4.04
CA GLY B 145 -14.58 -5.41 4.35
C GLY B 145 -15.45 -4.59 3.43
N PRO B 146 -16.76 -4.67 3.65
CA PRO B 146 -17.71 -3.78 2.98
C PRO B 146 -17.55 -2.30 3.42
N VAL B 147 -17.98 -1.42 2.52
CA VAL B 147 -17.68 -0.01 2.60
C VAL B 147 -19.03 0.78 2.61
N SER B 148 -19.25 1.54 3.67
CA SER B 148 -20.40 2.43 3.71
C SER B 148 -19.92 3.90 3.68
N LYS B 149 -20.78 4.83 3.27
CA LYS B 149 -20.48 6.27 3.38
C LYS B 149 -20.51 6.72 4.85
N VAL B 150 -19.60 7.75 5.24
CA VAL B 150 -19.88 8.35 6.55
C VAL B 150 -21.03 9.33 6.44
N SER B 151 -21.56 9.67 7.58
CA SER B 151 -22.65 10.59 7.67
C SER B 151 -22.20 11.98 7.43
N THR B 152 -23.16 12.71 7.22
CA THR B 152 -23.09 14.07 6.93
C THR B 152 -22.73 14.82 8.20
N GLU B 153 -22.95 14.17 9.25
CA GLU B 153 -22.67 14.67 10.54
C GLU B 153 -21.14 14.72 10.69
N GLU B 154 -20.54 13.55 10.50
CA GLU B 154 -19.08 13.34 10.63
C GLU B 154 -18.30 14.09 9.54
N ILE B 155 -18.88 14.21 8.36
CA ILE B 155 -18.19 14.93 7.27
C ILE B 155 -17.99 16.40 7.67
N PHE B 156 -19.12 17.04 8.15
CA PHE B 156 -19.04 18.37 8.76
C PHE B 156 -17.96 18.47 9.87
N THR B 157 -17.95 17.53 10.81
CA THR B 157 -17.01 17.55 11.90
C THR B 157 -15.55 17.50 11.41
N TYR B 158 -15.23 16.62 10.47
CA TYR B 158 -13.85 16.48 10.03
C TYR B 158 -13.49 17.53 9.02
N TRP B 159 -14.47 17.98 8.25
CA TRP B 159 -14.22 19.07 7.33
C TRP B 159 -13.72 20.29 8.11
N SER B 160 -14.37 20.55 9.25
CA SER B 160 -14.09 21.76 10.04
C SER B 160 -12.74 21.69 10.71
N MET B 161 -12.23 20.49 10.95
CA MET B 161 -10.92 20.32 11.56
C MET B 161 -9.77 20.63 10.58
N ARG B 162 -10.05 20.69 9.27
CA ARG B 162 -9.04 21.01 8.31
C ARG B 162 -8.58 22.46 8.43
N PRO B 163 -7.28 22.68 8.31
CA PRO B 163 -6.82 24.06 8.27
C PRO B 163 -7.22 24.78 6.98
N ARG B 164 -7.23 26.16 7.00
CA ARG B 164 -7.84 26.90 5.88
C ARG B 164 -7.21 26.45 4.54
N GLY B 165 -5.90 26.24 4.59
CA GLY B 165 -5.08 25.84 3.41
C GLY B 165 -5.63 24.53 2.75
N ALA B 166 -5.98 23.55 3.57
CA ALA B 166 -6.46 22.24 3.09
C ALA B 166 -7.91 22.29 2.57
N GLN B 167 -8.68 23.23 3.05
CA GLN B 167 -10.07 23.34 2.62
C GLN B 167 -10.15 23.94 1.22
N LEU B 168 -9.21 24.78 0.97
CA LEU B 168 -9.08 25.51 -0.27
C LEU B 168 -8.49 24.64 -1.32
N GLY B 169 -7.58 23.85 -0.84
CA GLY B 169 -6.89 22.90 -1.66
C GLY B 169 -7.92 21.96 -2.24
N ALA B 170 -8.78 21.47 -1.35
CA ALA B 170 -9.84 20.52 -1.70
C ALA B 170 -10.85 21.16 -2.71
N TRP B 171 -11.21 22.41 -2.46
CA TRP B 171 -12.17 23.14 -3.34
C TRP B 171 -11.52 23.42 -4.70
N ALA B 172 -10.17 23.55 -4.74
CA ALA B 172 -9.42 23.87 -5.98
C ALA B 172 -9.36 22.68 -6.96
N SER B 173 -9.56 21.49 -6.45
CA SER B 173 -9.54 20.27 -7.30
C SER B 173 -10.91 20.16 -7.99
N GLN B 174 -10.89 20.50 -9.25
CA GLN B 174 -12.10 20.53 -10.06
C GLN B 174 -12.28 19.22 -10.81
N GLN B 175 -13.08 18.52 -10.09
CA GLN B 175 -13.56 17.19 -10.32
C GLN B 175 -13.28 16.66 -11.74
N SER B 176 -13.85 17.23 -12.77
CA SER B 176 -13.63 16.69 -14.13
C SER B 176 -12.54 17.47 -14.92
N ARG B 177 -12.92 18.64 -15.35
CA ARG B 177 -12.06 19.57 -16.11
C ARG B 177 -10.67 19.00 -16.44
N PRO B 178 -10.32 18.70 -17.72
CA PRO B 178 -8.99 18.23 -18.06
C PRO B 178 -7.97 19.31 -17.69
N VAL B 179 -6.71 18.89 -17.54
CA VAL B 179 -5.60 19.83 -17.20
C VAL B 179 -4.45 19.67 -18.20
N GLY B 180 -3.93 20.73 -18.80
CA GLY B 180 -2.87 20.64 -19.80
C GLY B 180 -1.49 21.19 -19.20
N SER B 181 -1.63 22.08 -18.24
CA SER B 181 -0.47 22.68 -17.59
C SER B 181 -0.66 22.82 -16.09
N ARG B 182 0.46 22.99 -15.49
CA ARG B 182 0.62 23.11 -14.06
C ARG B 182 0.24 24.54 -13.60
N ALA B 183 0.40 25.48 -14.50
CA ALA B 183 0.05 26.85 -14.20
C ALA B 183 -1.47 26.89 -14.00
N GLN B 184 -2.15 26.01 -14.71
CA GLN B 184 -3.60 25.92 -14.62
C GLN B 184 -4.06 25.54 -13.20
N LEU B 185 -3.31 24.69 -12.52
CA LEU B 185 -3.67 24.26 -11.14
C LEU B 185 -3.58 25.46 -10.20
N ASP B 186 -2.65 26.26 -10.53
CA ASP B 186 -2.33 27.47 -9.82
C ASP B 186 -3.42 28.51 -9.93
N ASN B 187 -3.92 28.67 -11.10
CA ASN B 187 -4.95 29.65 -11.30
C ASN B 187 -6.24 29.14 -10.67
N GLN B 188 -6.35 27.82 -10.56
CA GLN B 188 -7.60 27.16 -9.93
C GLN B 188 -7.60 27.48 -8.43
N LEU B 189 -6.30 27.50 -7.85
CA LEU B 189 -6.16 27.74 -6.42
C LEU B 189 -6.35 29.23 -6.17
N ALA B 190 -5.84 30.05 -7.08
CA ALA B 190 -5.98 31.50 -7.00
C ALA B 190 -7.44 31.93 -7.20
N GLU B 191 -8.20 31.33 -8.12
CA GLU B 191 -9.71 31.61 -8.22
C GLU B 191 -10.39 31.26 -6.91
N VAL B 192 -10.08 30.10 -6.34
CA VAL B 192 -10.77 29.64 -5.12
C VAL B 192 -10.39 30.48 -3.88
N THR B 193 -9.15 30.96 -3.80
CA THR B 193 -8.64 31.86 -2.69
C THR B 193 -9.39 33.23 -2.69
N ARG B 194 -9.49 33.84 -3.85
CA ARG B 194 -10.16 35.10 -4.07
C ARG B 194 -11.73 34.88 -3.83
N ARG B 195 -12.30 33.87 -4.46
CA ARG B 195 -13.69 33.53 -4.25
C ARG B 195 -14.10 33.41 -2.75
N PHE B 196 -13.21 32.92 -1.88
CA PHE B 196 -13.54 32.79 -0.47
C PHE B 196 -12.83 33.79 0.46
N ALA B 197 -12.17 34.80 -0.10
CA ALA B 197 -11.33 35.83 0.68
C ALA B 197 -12.13 36.38 1.91
N ASP B 198 -13.51 36.45 1.86
CA ASP B 198 -14.31 37.10 2.92
C ASP B 198 -15.03 36.09 3.82
N GLN B 199 -14.87 34.81 3.52
CA GLN B 199 -15.51 33.77 4.33
C GLN B 199 -14.55 33.28 5.40
N ASP B 200 -14.84 33.57 6.55
CA ASP B 200 -14.05 33.15 7.66
C ASP B 200 -14.02 31.59 7.79
N GLN B 201 -15.24 31.02 7.53
CA GLN B 201 -15.63 29.57 7.69
C GLN B 201 -16.08 28.96 6.35
N ILE B 202 -15.17 28.28 5.67
CA ILE B 202 -15.46 27.71 4.33
C ILE B 202 -16.38 26.48 4.37
N PRO B 203 -17.35 26.48 3.40
CA PRO B 203 -18.34 25.43 3.41
C PRO B 203 -17.78 24.11 2.84
N VAL B 204 -18.39 22.98 3.26
CA VAL B 204 -18.12 21.66 2.72
C VAL B 204 -18.37 21.65 1.23
N PRO B 205 -17.40 21.21 0.41
CA PRO B 205 -17.69 21.17 -1.04
C PRO B 205 -18.83 20.19 -1.37
N PRO B 206 -19.53 20.42 -2.50
CA PRO B 206 -20.76 19.68 -2.80
C PRO B 206 -20.49 18.18 -2.95
N GLY B 207 -19.31 17.86 -3.48
CA GLY B 207 -19.07 16.49 -3.81
C GLY B 207 -18.31 15.68 -2.79
N TRP B 208 -17.94 16.33 -1.68
CA TRP B 208 -16.90 15.85 -0.75
C TRP B 208 -17.50 15.09 0.43
N GLY B 209 -16.97 13.89 0.70
CA GLY B 209 -17.35 13.11 1.89
C GLY B 209 -16.34 12.05 2.28
N GLY B 210 -16.81 10.95 2.85
CA GLY B 210 -15.92 9.95 3.43
C GLY B 210 -16.42 8.57 3.19
N TYR B 211 -15.55 7.59 3.41
CA TYR B 211 -15.84 6.16 3.28
C TYR B 211 -15.27 5.42 4.48
N ARG B 212 -15.96 4.35 4.86
CA ARG B 212 -15.56 3.54 5.99
C ARG B 212 -15.49 2.06 5.60
N ILE B 213 -14.36 1.42 5.92
CA ILE B 213 -14.18 0.01 5.70
C ILE B 213 -14.56 -0.77 6.97
N ALA B 214 -15.54 -1.65 6.90
CA ALA B 214 -15.87 -2.43 8.13
C ALA B 214 -14.82 -3.51 8.37
N PRO B 215 -14.55 -3.83 9.65
CA PRO B 215 -13.44 -4.76 10.01
C PRO B 215 -13.82 -6.24 9.94
N GLU B 216 -14.24 -6.67 8.76
CA GLU B 216 -14.61 -8.06 8.57
C GLU B 216 -13.42 -9.03 8.50
N ILE B 217 -12.26 -8.55 8.08
CA ILE B 217 -11.00 -9.32 8.23
C ILE B 217 -9.93 -8.32 8.63
N VAL B 218 -9.20 -8.61 9.71
CA VAL B 218 -8.10 -7.77 10.14
C VAL B 218 -6.90 -8.65 10.35
N GLU B 219 -5.79 -8.36 9.68
CA GLU B 219 -4.56 -9.11 9.90
C GLU B 219 -3.45 -8.22 10.49
N PHE B 220 -2.75 -8.74 11.47
CA PHE B 220 -1.57 -8.08 12.03
C PHE B 220 -0.32 -8.82 11.53
N TRP B 221 0.61 -8.10 10.93
CA TRP B 221 1.83 -8.73 10.44
C TRP B 221 3.04 -8.10 11.14
N GLN B 222 3.81 -8.95 11.84
CA GLN B 222 5.07 -8.53 12.43
C GLN B 222 6.24 -9.33 11.89
N GLY B 223 7.06 -8.70 11.06
CA GLY B 223 8.21 -9.37 10.47
C GLY B 223 9.27 -9.79 11.48
N ARG B 224 10.11 -10.75 11.09
CA ARG B 224 11.19 -11.27 11.95
C ARG B 224 12.42 -11.50 11.08
N GLU B 225 13.60 -11.22 11.61
CA GLU B 225 14.86 -11.37 10.87
C GLU B 225 14.99 -12.76 10.25
N ASN B 226 14.69 -13.80 11.05
CA ASN B 226 14.74 -15.21 10.61
C ASN B 226 13.63 -15.64 9.62
N ARG B 227 12.87 -14.66 9.11
CA ARG B 227 11.73 -14.86 8.16
C ARG B 227 10.50 -15.65 8.66
N MET B 228 10.51 -15.97 9.89
CA MET B 228 9.39 -16.69 10.51
C MET B 228 8.41 -15.68 11.10
N HIS B 229 7.93 -14.85 10.20
CA HIS B 229 6.99 -13.76 10.50
C HIS B 229 5.73 -14.28 11.21
N ASN B 230 5.26 -13.43 12.08
CA ASN B 230 4.07 -13.65 12.89
C ASN B 230 2.89 -12.99 12.21
N ARG B 231 1.85 -13.76 12.09
CA ARG B 231 0.64 -13.29 11.42
C ARG B 231 -0.60 -13.81 12.14
N ILE B 232 -1.43 -12.86 12.55
CA ILE B 232 -2.68 -13.19 13.23
C ILE B 232 -3.85 -12.46 12.56
N ARG B 233 -4.69 -13.33 12.04
CA ARG B 233 -5.91 -12.87 11.39
C ARG B 233 -7.12 -12.92 12.33
N VAL B 234 -7.99 -11.89 12.24
CA VAL B 234 -9.20 -11.73 13.07
C VAL B 234 -10.45 -11.73 12.20
N ALA B 235 -11.42 -12.56 12.56
CA ALA B 235 -12.61 -12.83 11.74
C ALA B 235 -13.62 -13.58 12.61
N ASN B 236 -14.91 -13.06 12.74
CA ASN B 236 -15.99 -13.66 13.59
C ASN B 236 -15.49 -13.82 15.03
N GLY B 237 -14.86 -12.77 15.55
CA GLY B 237 -14.07 -12.78 16.81
C GLY B 237 -13.10 -13.96 16.93
N ARG B 238 -12.96 -14.81 15.91
CA ARG B 238 -12.01 -15.93 15.99
C ARG B 238 -10.60 -15.51 15.55
N LEU B 239 -9.57 -15.89 16.32
CA LEU B 239 -8.17 -15.60 15.99
C LEU B 239 -7.52 -16.77 15.35
N GLU B 240 -6.53 -16.52 14.51
CA GLU B 240 -5.90 -17.57 13.75
C GLU B 240 -4.48 -17.20 13.38
N ARG B 241 -3.50 -18.05 13.71
CA ARG B 241 -2.11 -17.83 13.27
C ARG B 241 -1.90 -18.36 11.86
N LEU B 242 -1.21 -17.60 11.03
CA LEU B 242 -0.96 -18.01 9.66
C LEU B 242 0.49 -18.32 9.43
N GLN B 243 0.72 -19.24 8.51
CA GLN B 243 2.07 -19.55 8.05
C GLN B 243 2.68 -18.30 7.42
N PRO B 244 3.95 -18.00 7.72
CA PRO B 244 4.60 -16.81 7.19
C PRO B 244 4.41 -16.59 5.69
N GLY B 245 4.59 -17.65 4.92
CA GLY B 245 4.59 -17.62 3.45
C GLY B 245 3.18 -17.62 2.98
N SER B 246 2.39 -16.92 3.78
CA SER B 246 0.92 -16.79 3.65
C SER B 246 0.39 -18.19 4.00
#